data_3I94
#
_entry.id   3I94
#
_cell.length_a   70.785
_cell.length_b   94.797
_cell.length_c   42.653
_cell.angle_alpha   90.000
_cell.angle_beta   90.000
_cell.angle_gamma   90.000
#
_symmetry.space_group_name_H-M   'P 21 21 2'
#
loop_
_entity.id
_entity.type
_entity.pdbx_description
1 polymer 'Phycocyanobilin:ferredoxin oxidoreductase'
2 non-polymer '3-[2-[(Z)-[3-(2-carboxyethyl)-5-[(Z)-(3-ethenyl-4-methyl-5-oxo-pyrrol-2-ylidene)methyl]-4-methyl-pyrrol-2-ylidene]methy l]-5-[(Z)-(3-ethenyl-4-methyl-5-oxo-pyrrol-2-ylidene)methyl]-4-methyl-1H-pyrrol-3-yl]propanoic acid'
3 non-polymer 'SULFATE ION'
4 water water
#
_entity_poly.entity_id   1
_entity_poly.type   'polypeptide(L)'
_entity_poly.pdbx_seq_one_letter_code
;MAVTDLSLTNSSLMPTLNPMIQQLALAIAASWQSLPLKPYQLPEDLGYVEGRLEGEKLVIENRCYQTPQFRKMHLELAKV
GKGLDILHCVMFPEPLYGLPLFGCDIVAGPGGVSAAIADLSPTQSDRQLPAAYQKSLAELGQPEFEQQRELPPWGEIFSE
YCLFIRPSNVTEEERFVQRVVDFLQIHCHQSIVAEPLSEAQTLEHRQGQIHYCQQQQKNDKTRRVLEKAFGEAWAERYMS
QVLFDVIQ
;
_entity_poly.pdbx_strand_id   A
#
# COMPACT_ATOMS: atom_id res chain seq x y z
N LEU A 6 -10.98 -3.77 11.54
CA LEU A 6 -9.54 -3.61 11.74
C LEU A 6 -9.01 -4.43 12.91
N SER A 7 -9.92 -4.67 13.86
CA SER A 7 -9.52 -5.81 14.69
C SER A 7 -9.55 -6.91 13.58
N LEU A 8 -8.35 -7.33 13.24
CA LEU A 8 -7.87 -8.48 12.55
C LEU A 8 -8.10 -9.69 13.43
N THR A 9 -8.92 -9.65 14.49
CA THR A 9 -9.24 -10.79 15.32
C THR A 9 -10.08 -11.78 14.54
N ASN A 10 -10.87 -11.26 13.60
CA ASN A 10 -11.66 -12.23 12.82
C ASN A 10 -11.06 -12.61 11.50
N SER A 11 -9.81 -12.28 11.22
CA SER A 11 -9.18 -12.72 9.97
C SER A 11 -8.86 -14.19 9.93
N SER A 12 -9.23 -14.95 8.89
CA SER A 12 -8.82 -16.35 8.83
C SER A 12 -7.37 -16.52 8.37
N LEU A 13 -6.86 -15.58 7.58
CA LEU A 13 -5.53 -15.68 7.09
C LEU A 13 -4.51 -15.23 8.14
N MET A 14 -4.78 -14.20 8.96
CA MET A 14 -3.77 -13.64 9.84
C MET A 14 -2.96 -14.63 10.62
N PRO A 15 -3.59 -15.59 11.31
CA PRO A 15 -2.79 -16.51 12.15
C PRO A 15 -1.75 -17.28 11.36
N THR A 16 -1.95 -17.41 10.03
CA THR A 16 -1.26 -18.27 9.13
C THR A 16 -0.18 -17.54 8.32
N LEU A 17 -0.06 -16.23 8.50
CA LEU A 17 0.84 -15.40 7.68
C LEU A 17 2.21 -15.24 8.33
N ASN A 18 3.18 -14.95 7.47
CA ASN A 18 4.55 -14.64 7.87
C ASN A 18 4.54 -13.61 9.03
N PRO A 19 5.39 -13.81 10.00
CA PRO A 19 5.38 -12.89 11.17
C PRO A 19 5.59 -11.43 10.87
N MET A 20 6.44 -11.12 9.87
CA MET A 20 6.61 -9.70 9.50
C MET A 20 5.33 -9.14 8.94
N ILE A 21 4.67 -9.92 8.08
CA ILE A 21 3.35 -9.51 7.58
C ILE A 21 2.39 -9.28 8.71
N GLN A 22 2.34 -10.18 9.68
CA GLN A 22 1.42 -10.00 10.82
C GLN A 22 1.70 -8.71 11.54
N GLN A 23 2.97 -8.40 11.81
CA GLN A 23 3.31 -7.18 12.52
C GLN A 23 2.97 -5.95 11.71
N LEU A 24 3.15 -5.99 10.40
CA LEU A 24 2.77 -4.87 9.58
C LEU A 24 1.27 -4.67 9.51
N ALA A 25 0.51 -5.73 9.39
CA ALA A 25 -0.95 -5.64 9.42
C ALA A 25 -1.42 -5.01 10.71
N LEU A 26 -0.83 -5.47 11.82
CA LEU A 26 -1.18 -4.94 13.11
C LEU A 26 -0.89 -3.45 13.18
N ALA A 27 0.27 -3.04 12.69
CA ALA A 27 0.68 -1.63 12.71
C ALA A 27 -0.20 -0.77 11.87
N ILE A 28 -0.58 -1.24 10.69
CA ILE A 28 -1.49 -0.47 9.83
C ILE A 28 -2.84 -0.35 10.51
N ALA A 29 -3.40 -1.44 11.01
CA ALA A 29 -4.65 -1.39 11.68
C ALA A 29 -4.60 -0.42 12.86
N ALA A 30 -3.52 -0.44 13.64
CA ALA A 30 -3.41 0.43 14.79
C ALA A 30 -3.35 1.90 14.37
N SER A 31 -2.69 2.18 13.24
CA SER A 31 -2.65 3.53 12.73
C SER A 31 -4.03 4.04 12.38
N TRP A 32 -4.87 3.17 11.83
CA TRP A 32 -6.18 3.58 11.35
C TRP A 32 -7.28 3.55 12.42
N GLN A 33 -7.08 2.79 13.47
CA GLN A 33 -8.16 2.38 14.35
C GLN A 33 -8.98 3.51 14.95
N SER A 34 -8.33 4.61 15.32
CA SER A 34 -8.99 5.71 15.97
C SER A 34 -9.29 6.89 15.06
N LEU A 35 -9.10 6.73 13.75
CA LEU A 35 -9.42 7.76 12.79
C LEU A 35 -10.92 7.89 12.58
N PRO A 36 -11.39 8.93 11.94
CA PRO A 36 -12.83 9.07 11.66
C PRO A 36 -13.19 8.24 10.41
N LEU A 37 -13.16 6.94 10.60
CA LEU A 37 -13.37 5.95 9.56
C LEU A 37 -14.80 5.86 9.14
N LYS A 38 -15.02 5.62 7.89
CA LYS A 38 -16.27 5.17 7.31
C LYS A 38 -15.95 4.03 6.40
N PRO A 39 -16.87 3.11 6.16
CA PRO A 39 -16.61 2.03 5.19
C PRO A 39 -16.36 2.60 3.81
N TYR A 40 -15.57 1.84 3.04
CA TYR A 40 -15.43 2.06 1.62
C TYR A 40 -15.82 0.74 0.99
N GLN A 41 -16.88 0.72 0.23
CA GLN A 41 -17.31 -0.49 -0.45
C GLN A 41 -16.49 -0.71 -1.72
N LEU A 42 -15.78 -1.84 -1.73
CA LEU A 42 -15.10 -2.25 -2.96
C LEU A 42 -16.10 -2.70 -3.97
N PRO A 43 -15.69 -2.88 -5.23
CA PRO A 43 -16.65 -3.40 -6.25
C PRO A 43 -17.30 -4.69 -5.80
N GLU A 44 -18.59 -4.81 -6.05
CA GLU A 44 -19.38 -5.97 -5.65
C GLU A 44 -19.31 -6.19 -4.14
N ASP A 45 -19.08 -5.13 -3.37
CA ASP A 45 -18.93 -5.18 -1.92
C ASP A 45 -17.99 -6.33 -1.50
N LEU A 46 -16.86 -6.45 -2.20
CA LEU A 46 -15.98 -7.54 -1.95
C LEU A 46 -15.40 -7.51 -0.56
N GLY A 47 -15.30 -8.73 0.02
CA GLY A 47 -14.57 -8.99 1.24
C GLY A 47 -13.55 -10.10 0.97
N TYR A 48 -13.91 -11.32 1.35
CA TYR A 48 -13.13 -12.50 1.10
C TYR A 48 -13.33 -12.98 -0.33
N VAL A 49 -12.28 -13.48 -0.93
CA VAL A 49 -12.41 -14.14 -2.25
C VAL A 49 -11.32 -15.20 -2.39
N GLU A 50 -11.67 -16.30 -3.03
CA GLU A 50 -10.72 -17.36 -3.33
C GLU A 50 -10.99 -17.86 -4.75
N GLY A 51 -9.91 -18.36 -5.37
CA GLY A 51 -10.05 -18.97 -6.67
C GLY A 51 -8.90 -19.92 -6.97
N ARG A 52 -9.16 -20.85 -7.85
CA ARG A 52 -8.13 -21.75 -8.39
C ARG A 52 -8.48 -22.06 -9.84
N LEU A 53 -7.44 -22.25 -10.65
CA LEU A 53 -7.57 -22.78 -12.01
C LEU A 53 -6.79 -24.08 -12.03
N GLU A 54 -5.63 -24.15 -12.65
CA GLU A 54 -4.89 -25.37 -12.85
C GLU A 54 -3.81 -25.62 -11.81
N GLY A 55 -3.56 -24.67 -10.92
CA GLY A 55 -2.47 -24.74 -9.96
C GLY A 55 -2.95 -24.57 -8.53
N GLU A 56 -2.27 -23.63 -7.83
CA GLU A 56 -2.54 -23.39 -6.43
C GLU A 56 -3.75 -22.47 -6.31
N LYS A 57 -4.40 -22.50 -5.17
CA LYS A 57 -5.47 -21.59 -4.84
C LYS A 57 -4.94 -20.30 -4.28
N LEU A 58 -5.56 -19.20 -4.61
CA LEU A 58 -5.31 -17.88 -4.07
C LEU A 58 -6.50 -17.52 -3.16
N VAL A 59 -6.17 -17.11 -1.94
CA VAL A 59 -7.15 -16.69 -0.95
C VAL A 59 -6.83 -15.24 -0.58
N ILE A 60 -7.81 -14.38 -0.56
CA ILE A 60 -7.66 -12.94 -0.32
C ILE A 60 -8.68 -12.49 0.71
N GLU A 61 -8.21 -11.66 1.63
CA GLU A 61 -9.07 -10.94 2.56
C GLU A 61 -8.86 -9.45 2.37
N ASN A 62 -9.92 -8.70 2.37
CA ASN A 62 -9.90 -7.28 2.16
C ASN A 62 -10.56 -6.50 3.29
N ARG A 63 -9.99 -5.36 3.63
CA ARG A 63 -10.54 -4.36 4.50
C ARG A 63 -10.41 -3.02 3.81
N CYS A 64 -11.44 -2.16 3.81
CA CYS A 64 -11.32 -0.91 3.13
C CYS A 64 -12.17 0.16 3.79
N TYR A 65 -11.58 1.33 4.00
CA TYR A 65 -12.18 2.45 4.71
C TYR A 65 -11.91 3.71 4.00
N GLN A 66 -12.48 4.81 4.51
CA GLN A 66 -12.18 6.14 4.05
C GLN A 66 -12.31 7.14 5.20
N THR A 67 -11.69 8.30 5.04
CA THR A 67 -11.80 9.42 5.95
C THR A 67 -11.85 10.69 5.12
N PRO A 68 -12.07 11.86 5.70
CA PRO A 68 -12.09 13.06 4.85
C PRO A 68 -10.78 13.30 4.11
N GLN A 69 -9.67 12.84 4.65
CA GLN A 69 -8.40 13.06 4.01
C GLN A 69 -7.93 11.93 3.11
N PHE A 70 -8.45 10.73 3.34
CA PHE A 70 -8.07 9.54 2.58
C PHE A 70 -9.28 8.99 1.85
N ARG A 71 -9.22 9.05 0.53
CA ARG A 71 -10.28 8.58 -0.32
C ARG A 71 -10.55 7.09 -0.12
N LYS A 72 -9.51 6.32 0.09
CA LYS A 72 -9.64 4.87 0.09
C LYS A 72 -8.44 4.33 0.84
N MET A 73 -8.68 3.56 1.86
CA MET A 73 -7.67 2.98 2.74
C MET A 73 -7.84 1.47 2.68
N HIS A 74 -7.00 0.81 1.89
CA HIS A 74 -7.19 -0.55 1.52
C HIS A 74 -6.09 -1.44 2.09
N LEU A 75 -6.44 -2.39 2.91
CA LEU A 75 -5.53 -3.41 3.43
C LEU A 75 -5.98 -4.75 2.89
N GLU A 76 -5.11 -5.46 2.19
CA GLU A 76 -5.40 -6.74 1.63
C GLU A 76 -4.33 -7.74 2.13
N LEU A 77 -4.80 -8.91 2.52
CA LEU A 77 -3.94 -10.01 2.88
C LEU A 77 -4.24 -11.16 1.92
N ALA A 78 -3.21 -11.88 1.49
CA ALA A 78 -3.43 -12.97 0.57
C ALA A 78 -2.47 -14.11 0.81
N LYS A 79 -2.87 -15.30 0.39
CA LYS A 79 -2.00 -16.44 0.42
C LYS A 79 -2.23 -17.29 -0.81
N VAL A 80 -1.15 -17.71 -1.45
CA VAL A 80 -1.17 -18.63 -2.59
C VAL A 80 -0.76 -19.97 -2.07
N GLY A 81 -1.65 -20.94 -2.09
CA GLY A 81 -1.30 -22.26 -1.60
C GLY A 81 -0.92 -22.14 -0.14
N LYS A 82 0.07 -23.01 0.18
CA LYS A 82 0.57 -22.96 1.55
C LYS A 82 1.74 -22.03 1.65
N GLY A 83 2.36 -21.62 0.57
N GLY A 83 2.33 -21.65 0.54
CA GLY A 83 3.65 -21.05 0.99
CA GLY A 83 3.58 -21.27 -0.08
C GLY A 83 3.71 -19.54 0.87
C GLY A 83 3.97 -19.82 -0.23
N LEU A 84 2.99 -18.96 -0.09
CA LEU A 84 3.28 -17.58 -0.48
C LEU A 84 2.27 -16.65 0.17
N ASP A 85 2.75 -15.71 0.95
CA ASP A 85 1.96 -14.79 1.70
C ASP A 85 2.20 -13.37 1.16
N ILE A 86 1.13 -12.57 1.13
CA ILE A 86 1.22 -11.24 0.60
C ILE A 86 0.44 -10.29 1.49
N LEU A 87 1.01 -9.11 1.73
CA LEU A 87 0.29 -7.96 2.27
C LEU A 87 0.38 -6.82 1.26
N HIS A 88 -0.76 -6.24 0.94
CA HIS A 88 -0.89 -5.08 0.10
C HIS A 88 -1.60 -3.98 0.90
N CYS A 89 -1.08 -2.77 0.87
CA CYS A 89 -1.81 -1.68 1.50
C CYS A 89 -1.56 -0.42 0.71
N VAL A 90 -2.64 0.33 0.41
CA VAL A 90 -2.52 1.67 -0.12
C VAL A 90 -3.51 2.55 0.64
N MET A 91 -3.03 3.74 1.02
CA MET A 91 -3.89 4.85 1.44
C MET A 91 -3.90 5.84 0.27
N PHE A 92 -5.02 5.89 -0.41
CA PHE A 92 -5.21 6.82 -1.52
C PHE A 92 -5.72 8.13 -0.96
N PRO A 93 -5.04 9.23 -1.24
CA PRO A 93 -5.40 10.52 -0.66
C PRO A 93 -6.64 11.08 -1.36
N GLU A 94 -7.42 11.89 -0.64
CA GLU A 94 -8.34 12.82 -1.30
C GLU A 94 -7.56 13.92 -2.00
N PRO A 95 -7.69 14.10 -3.31
CA PRO A 95 -6.84 15.11 -3.97
C PRO A 95 -6.94 16.51 -3.41
N LEU A 96 -8.07 16.93 -2.84
CA LEU A 96 -8.28 18.24 -2.28
C LEU A 96 -7.22 18.60 -1.24
N TYR A 97 -6.67 17.59 -0.54
CA TYR A 97 -5.69 17.91 0.53
C TYR A 97 -4.25 17.70 0.09
N GLY A 98 -4.04 17.16 -1.11
CA GLY A 98 -2.70 17.08 -1.62
C GLY A 98 -1.69 16.19 -0.92
N LEU A 99 -2.21 15.20 -0.21
CA LEU A 99 -1.31 14.32 0.55
C LEU A 99 -0.70 13.29 -0.41
N PRO A 100 0.48 12.76 -0.09
CA PRO A 100 1.05 11.67 -0.88
C PRO A 100 0.28 10.41 -0.70
N LEU A 101 0.67 9.39 -1.50
CA LEU A 101 0.12 8.05 -1.37
C LEU A 101 0.95 7.17 -0.45
N PHE A 102 0.40 6.59 0.57
CA PHE A 102 1.11 5.58 1.34
C PHE A 102 0.90 4.27 0.65
N GLY A 103 1.96 3.48 0.50
CA GLY A 103 1.81 2.12 0.02
C GLY A 103 2.81 1.21 0.61
N CYS A 104 2.40 -0.07 0.69
CA CYS A 104 3.34 -1.12 1.08
C CYS A 104 2.91 -2.42 0.43
N ASP A 105 3.93 -3.22 0.13
CA ASP A 105 3.74 -4.53 -0.43
C ASP A 105 4.77 -5.45 0.20
N ILE A 106 4.34 -6.55 0.74
CA ILE A 106 5.24 -7.55 1.35
C ILE A 106 4.89 -8.88 0.75
N VAL A 107 5.92 -9.63 0.33
CA VAL A 107 5.77 -10.94 -0.23
C VAL A 107 6.68 -11.88 0.53
N ALA A 108 6.18 -12.99 0.99
CA ALA A 108 6.96 -13.93 1.78
C ALA A 108 6.66 -15.36 1.33
N GLY A 109 7.68 -16.20 1.39
CA GLY A 109 7.52 -17.62 1.20
C GLY A 109 8.14 -18.36 2.37
N PRO A 110 8.27 -19.69 2.21
CA PRO A 110 8.91 -20.50 3.23
C PRO A 110 10.35 -20.09 3.52
N GLY A 111 11.07 -19.51 2.56
CA GLY A 111 12.40 -19.09 2.82
C GLY A 111 12.44 -17.76 3.55
N GLY A 112 11.30 -17.15 3.85
CA GLY A 112 11.23 -15.82 4.48
C GLY A 112 10.68 -14.80 3.51
N VAL A 113 10.74 -13.57 3.95
CA VAL A 113 10.29 -12.44 3.17
C VAL A 113 11.18 -12.28 1.94
N SER A 114 10.60 -12.27 0.75
CA SER A 114 11.34 -12.05 -0.47
C SER A 114 11.39 -10.59 -0.88
N ALA A 115 10.30 -9.88 -0.64
CA ALA A 115 10.14 -8.50 -1.07
C ALA A 115 9.46 -7.71 0.04
N ALA A 116 10.03 -6.56 0.36
CA ALA A 116 9.39 -5.62 1.27
C ALA A 116 9.53 -4.26 0.66
N ILE A 117 8.41 -3.63 0.33
CA ILE A 117 8.35 -2.36 -0.32
C ILE A 117 7.47 -1.43 0.52
N ALA A 118 7.91 -0.20 0.72
CA ALA A 118 7.05 0.78 1.36
C ALA A 118 7.44 2.15 0.90
N ASP A 119 6.44 3.05 0.76
CA ASP A 119 6.73 4.39 0.30
C ASP A 119 5.63 5.35 0.70
N LEU A 120 5.97 6.65 0.70
CA LEU A 120 5.07 7.77 0.60
C LEU A 120 5.35 8.38 -0.76
N SER A 121 4.42 8.21 -1.72
CA SER A 121 4.69 8.51 -3.11
C SER A 121 4.08 9.83 -3.53
N PRO A 122 4.78 10.62 -4.34
CA PRO A 122 4.27 11.94 -4.67
C PRO A 122 3.12 11.98 -5.61
N THR A 123 2.35 13.06 -5.53
CA THR A 123 1.29 13.34 -6.41
C THR A 123 1.49 14.66 -7.12
N GLN A 124 2.40 15.52 -6.74
CA GLN A 124 2.68 16.79 -7.38
C GLN A 124 3.31 16.59 -8.77
N SER A 125 3.05 17.53 -9.65
CA SER A 125 3.59 17.42 -10.99
C SER A 125 5.11 17.47 -11.07
N ASP A 126 5.79 18.07 -10.11
CA ASP A 126 7.27 18.08 -10.05
C ASP A 126 7.83 16.80 -9.48
N ARG A 127 7.00 15.84 -9.12
CA ARG A 127 7.36 14.53 -8.63
C ARG A 127 8.10 14.60 -7.30
N GLN A 128 7.90 15.67 -6.54
CA GLN A 128 8.43 15.81 -5.21
C GLN A 128 7.32 15.65 -4.14
N LEU A 129 7.74 15.12 -3.01
CA LEU A 129 6.85 15.12 -1.85
C LEU A 129 6.67 16.55 -1.38
N PRO A 130 5.61 16.85 -0.65
CA PRO A 130 5.48 18.15 -0.04
C PRO A 130 6.64 18.44 0.91
N ALA A 131 6.96 19.73 1.07
CA ALA A 131 8.08 20.16 1.89
C ALA A 131 8.11 19.57 3.30
N ALA A 132 6.97 19.46 3.95
CA ALA A 132 6.91 18.97 5.31
C ALA A 132 7.27 17.49 5.36
N TYR A 133 6.82 16.77 4.37
CA TYR A 133 7.19 15.37 4.29
C TYR A 133 8.69 15.20 4.06
N GLN A 134 9.23 15.98 3.14
CA GLN A 134 10.66 15.87 2.89
C GLN A 134 11.48 16.00 4.17
N LYS A 135 11.09 17.03 4.93
CA LYS A 135 11.80 17.35 6.19
C LYS A 135 11.66 16.20 7.20
N SER A 136 10.45 15.72 7.42
CA SER A 136 10.24 14.69 8.44
C SER A 136 10.91 13.39 8.01
N LEU A 137 10.86 13.07 6.73
CA LEU A 137 11.47 11.84 6.27
C LEU A 137 12.98 11.86 6.41
N ALA A 138 13.58 13.01 6.08
CA ALA A 138 15.02 13.05 6.25
C ALA A 138 15.49 12.85 7.68
N GLU A 139 14.65 13.34 8.59
CA GLU A 139 15.04 13.25 9.98
C GLU A 139 15.07 11.81 10.44
N LEU A 140 14.49 10.89 9.72
CA LEU A 140 14.56 9.48 10.12
C LEU A 140 15.94 8.91 9.88
N GLY A 141 16.79 9.55 9.10
CA GLY A 141 18.09 8.97 8.80
C GLY A 141 18.00 7.92 7.73
N GLN A 142 19.12 7.60 7.11
CA GLN A 142 19.27 6.68 6.01
C GLN A 142 19.34 5.27 6.57
N PRO A 143 18.32 4.45 6.36
CA PRO A 143 18.35 3.09 6.92
C PRO A 143 19.36 2.18 6.24
N GLU A 144 19.87 1.23 7.01
CA GLU A 144 20.86 0.35 6.37
C GLU A 144 20.15 -0.94 6.10
N PHE A 145 20.20 -1.37 4.83
CA PHE A 145 19.68 -2.64 4.49
C PHE A 145 20.69 -3.36 3.60
N GLU A 146 20.99 -4.60 3.89
CA GLU A 146 22.05 -5.34 3.20
C GLU A 146 21.65 -5.78 1.80
N GLN A 147 20.38 -6.01 1.51
CA GLN A 147 19.93 -6.59 0.27
C GLN A 147 18.90 -5.71 -0.37
N GLN A 148 19.37 -4.58 -0.96
CA GLN A 148 18.50 -3.70 -1.67
C GLN A 148 18.11 -4.29 -3.01
N ARG A 149 16.93 -3.95 -3.49
CA ARG A 149 16.44 -4.35 -4.78
C ARG A 149 16.13 -3.10 -5.59
N GLU A 150 16.44 -3.14 -6.90
CA GLU A 150 16.17 -2.03 -7.78
C GLU A 150 14.75 -2.08 -8.28
N LEU A 151 14.06 -0.95 -8.23
CA LEU A 151 12.71 -0.90 -8.71
C LEU A 151 12.63 -1.11 -10.20
N PRO A 152 11.56 -1.72 -10.67
CA PRO A 152 11.34 -1.83 -12.13
C PRO A 152 11.05 -0.47 -12.72
N PRO A 153 11.08 -0.32 -14.05
CA PRO A 153 10.87 0.99 -14.63
C PRO A 153 9.57 1.71 -14.25
N TRP A 154 8.46 0.95 -14.13
CA TRP A 154 7.20 1.58 -13.72
C TRP A 154 7.27 2.19 -12.33
N GLY A 155 8.25 1.78 -11.55
CA GLY A 155 8.47 2.30 -10.23
C GLY A 155 9.07 3.67 -10.13
N GLU A 156 9.14 4.38 -11.26
CA GLU A 156 9.48 5.77 -11.23
C GLU A 156 8.50 6.58 -10.37
N ILE A 157 7.28 6.05 -10.16
CA ILE A 157 6.28 6.74 -9.33
C ILE A 157 6.67 6.83 -7.87
N PHE A 158 7.61 6.03 -7.38
CA PHE A 158 7.92 6.03 -5.95
C PHE A 158 8.91 7.15 -5.61
N SER A 159 8.85 7.63 -4.40
CA SER A 159 9.74 8.69 -3.92
C SER A 159 11.15 8.21 -3.69
N GLU A 160 12.03 9.15 -3.43
CA GLU A 160 13.40 8.83 -3.06
C GLU A 160 13.52 8.11 -1.73
N TYR A 161 12.43 8.11 -0.92
CA TYR A 161 12.44 7.43 0.38
C TYR A 161 11.89 6.00 0.28
N CYS A 162 11.55 5.55 -0.93
CA CYS A 162 10.97 4.22 -1.10
C CYS A 162 11.95 3.17 -0.58
N LEU A 163 11.42 2.18 0.12
CA LEU A 163 12.19 1.01 0.51
C LEU A 163 11.80 -0.12 -0.43
N PHE A 164 12.79 -0.86 -0.91
CA PHE A 164 12.54 -2.09 -1.68
C PHE A 164 13.73 -3.02 -1.36
N ILE A 165 13.47 -3.99 -0.49
CA ILE A 165 14.52 -4.85 0.03
C ILE A 165 14.09 -6.30 0.07
N ARG A 166 15.07 -7.18 0.22
CA ARG A 166 14.87 -8.50 0.78
C ARG A 166 15.43 -8.41 2.21
N PRO A 167 14.63 -8.49 3.28
CA PRO A 167 15.25 -8.43 4.61
C PRO A 167 16.25 -9.53 4.83
N SER A 168 17.37 -9.25 5.47
CA SER A 168 18.42 -10.25 5.60
C SER A 168 18.36 -11.03 6.88
N ASN A 169 17.67 -10.50 7.87
CA ASN A 169 17.64 -11.10 9.20
C ASN A 169 16.51 -10.40 9.97
N VAL A 170 16.24 -10.91 11.18
CA VAL A 170 15.15 -10.35 12.00
C VAL A 170 15.39 -8.90 12.32
N THR A 171 16.63 -8.51 12.55
CA THR A 171 16.89 -7.08 12.84
C THR A 171 16.40 -6.21 11.68
N GLU A 172 16.68 -6.64 10.45
CA GLU A 172 16.22 -5.88 9.29
C GLU A 172 14.71 -5.91 9.15
N GLU A 173 14.09 -7.04 9.43
CA GLU A 173 12.63 -7.11 9.39
C GLU A 173 12.03 -6.08 10.31
N GLU A 174 12.59 -6.01 11.53
CA GLU A 174 12.09 -5.10 12.55
C GLU A 174 12.35 -3.65 12.16
N ARG A 175 13.53 -3.39 11.56
CA ARG A 175 13.84 -2.05 11.12
C ARG A 175 12.86 -1.61 10.05
N PHE A 176 12.57 -2.48 9.11
CA PHE A 176 11.60 -2.17 8.05
C PHE A 176 10.25 -1.85 8.67
N VAL A 177 9.75 -2.72 9.52
CA VAL A 177 8.43 -2.46 10.14
C VAL A 177 8.44 -1.14 10.85
N GLN A 178 9.50 -0.83 11.62
CA GLN A 178 9.52 0.42 12.31
C GLN A 178 9.54 1.60 11.36
N ARG A 179 10.19 1.48 10.22
CA ARG A 179 10.20 2.59 9.27
C ARG A 179 8.79 2.78 8.71
N VAL A 180 8.05 1.70 8.47
CA VAL A 180 6.68 1.85 8.03
C VAL A 180 5.83 2.51 9.11
N VAL A 181 6.01 2.13 10.37
CA VAL A 181 5.32 2.78 11.49
C VAL A 181 5.63 4.26 11.44
N ASP A 182 6.89 4.64 11.22
CA ASP A 182 7.30 6.04 11.15
C ASP A 182 6.66 6.76 9.97
N PHE A 183 6.64 6.13 8.81
CA PHE A 183 5.93 6.71 7.66
C PHE A 183 4.46 6.99 7.99
N LEU A 184 3.79 6.04 8.59
CA LEU A 184 2.39 6.18 8.95
C LEU A 184 2.21 7.32 9.96
N GLN A 185 3.07 7.44 10.91
CA GLN A 185 2.95 8.50 11.91
C GLN A 185 3.11 9.87 11.27
N ILE A 186 4.10 10.02 10.39
CA ILE A 186 4.26 11.26 9.67
C ILE A 186 3.00 11.57 8.85
N HIS A 187 2.52 10.55 8.13
CA HIS A 187 1.41 10.73 7.23
C HIS A 187 0.13 11.12 7.97
N CYS A 188 -0.18 10.40 9.05
CA CYS A 188 -1.34 10.74 9.80
C CYS A 188 -1.26 12.15 10.39
N HIS A 189 -0.09 12.54 10.87
CA HIS A 189 0.07 13.89 11.41
C HIS A 189 -0.08 14.93 10.33
N GLN A 190 0.58 14.72 9.20
CA GLN A 190 0.50 15.70 8.12
C GLN A 190 -0.93 15.83 7.62
N SER A 191 -1.69 14.75 7.68
CA SER A 191 -3.07 14.79 7.26
C SER A 191 -3.94 15.76 8.08
N ILE A 192 -3.59 15.99 9.33
CA ILE A 192 -4.42 16.94 10.10
C ILE A 192 -3.89 18.34 9.94
N VAL A 193 -2.64 18.63 9.58
N VAL A 193 -2.81 18.52 9.24
CA VAL A 193 -2.01 19.94 9.41
CA VAL A 193 -2.91 20.00 9.06
C VAL A 193 -2.05 20.45 7.96
C VAL A 193 -3.29 20.33 7.66
N ALA A 194 -2.38 19.63 6.97
N ALA A 194 -3.72 19.33 6.91
CA ALA A 194 -2.37 20.06 5.58
CA ALA A 194 -4.02 19.60 5.52
C ALA A 194 -3.43 21.09 5.27
C ALA A 194 -5.26 20.43 5.36
N GLU A 195 -3.02 22.14 4.55
N GLU A 195 -5.26 21.40 4.46
CA GLU A 195 -3.94 23.15 4.08
CA GLU A 195 -6.57 22.02 4.17
C GLU A 195 -4.69 22.61 2.86
C GLU A 195 -7.00 21.86 2.73
N PRO A 196 -5.97 22.95 2.74
N PRO A 196 -8.29 22.09 2.45
CA PRO A 196 -6.69 22.65 1.49
CA PRO A 196 -8.66 22.00 1.05
C PRO A 196 -6.08 23.52 0.39
C PRO A 196 -7.86 22.91 0.14
N LEU A 197 -6.04 22.90 -0.78
N LEU A 197 -7.46 22.38 -1.01
CA LEU A 197 -5.56 23.52 -2.00
CA LEU A 197 -6.56 23.09 -1.94
C LEU A 197 -6.74 23.95 -2.87
C LEU A 197 -7.19 23.85 -3.10
N SER A 198 -6.39 24.59 -3.93
CA SER A 198 -7.09 25.28 -4.96
C SER A 198 -7.60 24.26 -5.96
N GLU A 199 -8.50 24.72 -6.81
CA GLU A 199 -9.01 23.79 -7.78
C GLU A 199 -7.90 23.33 -8.74
N ALA A 200 -7.01 24.22 -9.13
CA ALA A 200 -5.92 23.82 -10.01
C ALA A 200 -4.95 22.84 -9.33
N GLN A 201 -4.66 23.12 -8.06
CA GLN A 201 -3.80 22.18 -7.33
C GLN A 201 -4.49 20.83 -7.14
N THR A 202 -5.80 20.85 -6.83
CA THR A 202 -6.56 19.59 -6.64
C THR A 202 -6.44 18.77 -7.93
N LEU A 203 -6.58 19.43 -9.07
CA LEU A 203 -6.48 18.76 -10.34
C LEU A 203 -5.09 18.18 -10.56
N GLU A 204 -4.04 18.93 -10.24
CA GLU A 204 -2.72 18.38 -10.30
C GLU A 204 -2.57 17.10 -9.49
N HIS A 205 -3.04 17.14 -8.24
CA HIS A 205 -2.92 15.99 -7.37
C HIS A 205 -3.73 14.80 -7.88
N ARG A 206 -4.90 15.07 -8.42
CA ARG A 206 -5.69 14.00 -9.00
C ARG A 206 -4.89 13.30 -10.10
N GLN A 207 -4.25 14.07 -10.96
CA GLN A 207 -3.47 13.50 -12.04
C GLN A 207 -2.32 12.66 -11.49
N GLY A 208 -1.67 13.11 -10.42
CA GLY A 208 -0.62 12.31 -9.85
C GLY A 208 -1.11 10.97 -9.37
N GLN A 209 -2.31 10.93 -8.78
CA GLN A 209 -2.90 9.67 -8.32
C GLN A 209 -3.33 8.77 -9.47
N ILE A 210 -3.86 9.33 -10.53
CA ILE A 210 -4.19 8.60 -11.70
C ILE A 210 -2.95 7.92 -12.28
N HIS A 211 -1.89 8.70 -12.40
CA HIS A 211 -0.65 8.17 -12.95
C HIS A 211 -0.09 7.05 -12.08
N TYR A 212 -0.15 7.23 -10.76
CA TYR A 212 0.31 6.19 -9.83
C TYR A 212 -0.45 4.88 -10.12
N CYS A 213 -1.77 4.95 -10.21
CA CYS A 213 -2.55 3.73 -10.45
C CYS A 213 -2.24 3.10 -11.79
N GLN A 214 -2.11 3.93 -12.84
CA GLN A 214 -1.79 3.39 -14.16
C GLN A 214 -0.45 2.66 -14.16
N GLN A 215 0.53 3.22 -13.47
CA GLN A 215 1.85 2.60 -13.41
C GLN A 215 1.84 1.34 -12.57
N GLN A 216 1.16 1.33 -11.44
CA GLN A 216 1.05 0.15 -10.57
C GLN A 216 0.44 -1.01 -11.36
N GLN A 217 -0.48 -0.72 -12.29
CA GLN A 217 -1.10 -1.74 -13.10
C GLN A 217 -0.11 -2.43 -14.02
N LYS A 218 1.08 -1.90 -14.22
CA LYS A 218 2.14 -2.52 -15.04
C LYS A 218 2.88 -3.59 -14.29
N ASN A 219 2.56 -3.86 -13.05
CA ASN A 219 3.28 -4.87 -12.27
C ASN A 219 2.85 -6.25 -12.68
N ASP A 220 3.66 -6.92 -13.48
CA ASP A 220 3.32 -8.24 -13.95
C ASP A 220 3.52 -9.27 -12.86
N LYS A 221 4.23 -8.98 -11.78
CA LYS A 221 4.34 -9.96 -10.70
C LYS A 221 3.01 -10.15 -10.02
N THR A 222 2.34 -9.07 -9.69
CA THR A 222 0.99 -9.16 -9.16
C THR A 222 0.07 -9.79 -10.18
N ARG A 223 0.12 -9.33 -11.42
CA ARG A 223 -0.84 -9.80 -12.41
C ARG A 223 -0.74 -11.30 -12.57
N ARG A 224 0.48 -11.85 -12.63
CA ARG A 224 0.60 -13.27 -12.87
C ARG A 224 0.00 -14.06 -11.72
N VAL A 225 0.21 -13.64 -10.47
CA VAL A 225 -0.40 -14.34 -9.36
C VAL A 225 -1.92 -14.36 -9.51
N LEU A 226 -2.51 -13.23 -9.83
CA LEU A 226 -3.97 -13.17 -9.98
C LEU A 226 -4.41 -14.04 -11.14
N GLU A 227 -3.68 -13.96 -12.25
CA GLU A 227 -4.09 -14.71 -13.45
C GLU A 227 -4.01 -16.20 -13.24
N LYS A 228 -2.98 -16.69 -12.51
CA LYS A 228 -2.85 -18.12 -12.32
C LYS A 228 -3.98 -18.71 -11.52
N ALA A 229 -4.64 -17.91 -10.66
CA ALA A 229 -5.76 -18.38 -9.86
C ALA A 229 -7.13 -18.08 -10.45
N PHE A 230 -7.26 -17.00 -11.22
CA PHE A 230 -8.54 -16.50 -11.66
C PHE A 230 -8.66 -16.23 -13.17
N GLY A 231 -7.54 -16.13 -13.89
CA GLY A 231 -7.56 -15.85 -15.31
C GLY A 231 -7.38 -14.39 -15.65
N GLU A 232 -7.13 -14.15 -16.94
CA GLU A 232 -6.80 -12.83 -17.43
C GLU A 232 -7.88 -11.81 -17.21
N ALA A 233 -9.13 -12.13 -17.54
CA ALA A 233 -10.19 -11.14 -17.44
C ALA A 233 -10.42 -10.73 -16.01
N TRP A 234 -10.46 -11.74 -15.11
CA TRP A 234 -10.66 -11.43 -13.68
C TRP A 234 -9.53 -10.59 -13.18
N ALA A 235 -8.29 -10.93 -13.53
CA ALA A 235 -7.12 -10.19 -13.04
C ALA A 235 -7.15 -8.76 -13.52
N GLU A 236 -7.54 -8.52 -14.77
CA GLU A 236 -7.63 -7.17 -15.28
C GLU A 236 -8.66 -6.37 -14.55
N ARG A 237 -9.83 -6.96 -14.29
CA ARG A 237 -10.84 -6.27 -13.48
C ARG A 237 -10.31 -6.00 -12.09
N TYR A 238 -9.64 -6.95 -11.48
CA TYR A 238 -9.17 -6.79 -10.12
C TYR A 238 -8.16 -5.70 -10.02
N MET A 239 -7.15 -5.71 -10.89
CA MET A 239 -6.13 -4.70 -10.83
C MET A 239 -6.65 -3.30 -11.10
N SER A 240 -7.58 -3.19 -12.07
CA SER A 240 -8.04 -1.89 -12.48
C SER A 240 -9.20 -1.34 -11.69
N GLN A 241 -9.95 -2.20 -10.99
CA GLN A 241 -11.14 -1.79 -10.28
C GLN A 241 -11.01 -1.96 -8.77
N VAL A 242 -10.29 -2.97 -8.32
CA VAL A 242 -10.19 -3.24 -6.88
C VAL A 242 -8.88 -2.69 -6.31
N LEU A 243 -7.74 -3.00 -6.91
CA LEU A 243 -6.45 -2.55 -6.37
C LEU A 243 -6.12 -1.11 -6.73
N PHE A 244 -6.08 -0.77 -8.01
CA PHE A 244 -5.53 0.48 -8.49
C PHE A 244 -6.55 1.18 -9.37
N ASP A 245 -7.64 1.55 -8.74
CA ASP A 245 -8.73 2.22 -9.44
C ASP A 245 -8.34 3.64 -9.88
N VAL A 246 -8.57 3.94 -11.15
CA VAL A 246 -8.21 5.21 -11.73
C VAL A 246 -9.37 6.14 -11.50
N ILE A 247 -9.11 7.21 -10.76
CA ILE A 247 -10.19 8.12 -10.45
C ILE A 247 -10.43 9.07 -11.58
N GLN A 248 -11.58 9.66 -11.46
CA GLN A 248 -12.04 10.64 -12.44
C GLN A 248 -12.27 11.94 -11.66
#